data_1PMJ
#
_entry.id   1PMJ
#
_cell.length_a   54.988
_cell.length_b   54.988
_cell.length_c   115.777
_cell.angle_alpha   90.00
_cell.angle_beta   90.00
_cell.angle_gamma   90.00
#
_symmetry.space_group_name_H-M   'P 41 21 2'
#
loop_
_entity.id
_entity.type
_entity.pdbx_description
1 polymer beta-1,4-mannanase
2 non-polymer 'CALCIUM ION'
3 non-polymer 1,2-ETHANEDIOL
4 non-polymer 'ACETIC ACID'
5 water water
#
_entity_poly.entity_id   1
_entity_poly.type   'polypeptide(L)'
_entity_poly.pdbx_seq_one_letter_code
;ESSVNPVVLDFEDGTVMSFGEAWGDSLKCIKKVSVSQDLQRPGNKYALRLDVEFNPNNGWDQGDLGTWIGGVVEGQFDFT
GYKSVEFEMFIPYDEFSKSQGGFAYKVVINDGWKELGSEFNITANAGKKVKINGKDYTVIHKAFAIPEDFRTKKRAQLVF
QFAGQNSNYKGPIYLDNVRIRPEDA
;
_entity_poly.pdbx_strand_id   X
#
loop_
_chem_comp.id
_chem_comp.type
_chem_comp.name
_chem_comp.formula
ACY non-polymer 'ACETIC ACID' 'C2 H4 O2'
CA non-polymer 'CALCIUM ION' 'Ca 2'
EDO non-polymer 1,2-ETHANEDIOL 'C2 H6 O2'
#
# COMPACT_ATOMS: atom_id res chain seq x y z
N GLU A 1 -27.93 -6.31 3.14
CA GLU A 1 -26.82 -6.30 4.13
C GLU A 1 -26.12 -4.92 4.16
N SER A 2 -26.36 -4.19 5.25
CA SER A 2 -25.65 -2.94 5.55
C SER A 2 -24.88 -3.14 6.86
N SER A 3 -23.56 -3.30 6.73
CA SER A 3 -22.69 -3.73 7.81
C SER A 3 -21.62 -2.71 8.09
N VAL A 4 -20.92 -2.92 9.20
CA VAL A 4 -19.60 -2.33 9.33
C VAL A 4 -18.56 -3.46 9.45
N ASN A 5 -18.70 -4.49 8.60
CA ASN A 5 -17.74 -5.60 8.67
C ASN A 5 -16.36 -5.11 8.23
N PRO A 6 -15.28 -5.57 8.86
CA PRO A 6 -13.93 -5.29 8.38
C PRO A 6 -13.82 -5.61 6.90
N VAL A 7 -13.16 -4.74 6.12
CA VAL A 7 -12.89 -5.00 4.72
C VAL A 7 -11.41 -5.34 4.64
N VAL A 8 -11.09 -6.57 4.34
CA VAL A 8 -9.74 -7.07 4.43
C VAL A 8 -9.21 -7.46 3.06
N LEU A 9 -8.33 -6.61 2.53
CA LEU A 9 -7.68 -6.81 1.22
C LEU A 9 -6.31 -7.43 1.51
N ASP A 10 -6.35 -8.75 1.64
CA ASP A 10 -5.20 -9.58 1.98
C ASP A 10 -4.68 -10.45 0.82
N PHE A 11 -5.31 -10.33 -0.34
CA PHE A 11 -4.91 -11.03 -1.58
C PHE A 11 -5.05 -12.54 -1.47
N GLU A 12 -5.74 -13.03 -0.43
CA GLU A 12 -5.74 -14.47 -0.17
C GLU A 12 -6.63 -15.27 -1.12
N ASP A 13 -7.43 -14.57 -1.92
CA ASP A 13 -8.13 -15.20 -3.05
C ASP A 13 -7.31 -15.38 -4.32
N GLY A 14 -6.03 -15.00 -4.24
CA GLY A 14 -5.09 -15.12 -5.32
C GLY A 14 -5.31 -14.14 -6.45
N THR A 15 -6.02 -13.04 -6.17
CA THR A 15 -6.14 -11.93 -7.11
C THR A 15 -5.50 -10.65 -6.61
N VAL A 16 -5.40 -9.68 -7.50
CA VAL A 16 -4.95 -8.33 -7.12
C VAL A 16 -6.00 -7.47 -6.42
N MET A 17 -7.22 -7.99 -6.23
CA MET A 17 -8.27 -7.31 -5.50
C MET A 17 -8.47 -5.86 -5.94
N SER A 18 -8.54 -5.69 -7.25
CA SER A 18 -8.84 -4.39 -7.89
C SER A 18 -7.73 -3.33 -7.76
N PHE A 19 -6.54 -3.73 -7.35
CA PHE A 19 -5.39 -2.84 -7.35
C PHE A 19 -4.80 -2.69 -8.74
N GLY A 20 -4.50 -1.44 -9.10
CA GLY A 20 -3.91 -1.10 -10.37
C GLY A 20 -3.66 0.39 -10.40
N GLU A 21 -3.57 0.98 -11.58
CA GLU A 21 -3.34 2.41 -11.67
C GLU A 21 -4.50 3.15 -10.98
N ALA A 22 -4.17 4.23 -10.27
CA ALA A 22 -5.14 5.13 -9.67
C ALA A 22 -5.85 5.99 -10.72
N TRP A 23 -5.15 6.29 -11.80
CA TRP A 23 -5.73 6.98 -12.96
C TRP A 23 -4.84 6.66 -14.16
N GLY A 24 -5.27 7.05 -15.37
CA GLY A 24 -4.46 6.78 -16.54
C GLY A 24 -3.02 7.23 -16.45
N ASP A 25 -2.11 6.28 -16.67
CA ASP A 25 -0.66 6.50 -16.64
C ASP A 25 -0.10 6.92 -15.28
N SER A 26 -0.83 6.66 -14.20
CA SER A 26 -0.36 7.04 -12.85
C SER A 26 0.72 6.16 -12.26
N LEU A 27 0.92 4.95 -12.74
CA LEU A 27 1.83 4.01 -12.04
C LEU A 27 3.28 4.46 -12.04
N LYS A 28 3.76 4.95 -13.20
CA LYS A 28 5.04 5.65 -13.31
C LYS A 28 6.22 4.80 -12.78
N CYS A 29 6.74 5.09 -11.58
CA CYS A 29 7.83 4.31 -11.02
C CYS A 29 7.47 2.83 -10.80
N ILE A 30 6.18 2.55 -10.62
CA ILE A 30 5.67 1.19 -10.49
C ILE A 30 5.53 0.63 -11.90
N LYS A 31 6.39 -0.31 -12.20
CA LYS A 31 6.47 -0.90 -13.55
C LYS A 31 5.60 -2.12 -13.78
N LYS A 32 5.14 -2.73 -12.69
CA LYS A 32 4.24 -3.85 -12.79
C LYS A 32 3.59 -4.06 -11.44
N VAL A 33 2.30 -4.42 -11.47
CA VAL A 33 1.50 -4.82 -10.32
C VAL A 33 1.07 -6.26 -10.56
N SER A 34 1.34 -7.13 -9.60
CA SER A 34 0.94 -8.54 -9.71
C SER A 34 0.65 -9.16 -8.37
N VAL A 35 -0.13 -10.23 -8.36
CA VAL A 35 -0.35 -11.02 -7.18
C VAL A 35 0.74 -12.10 -7.16
N SER A 36 1.35 -12.28 -5.98
CA SER A 36 2.61 -13.01 -5.83
C SER A 36 2.59 -13.95 -4.67
N GLN A 37 3.23 -15.11 -4.85
CA GLN A 37 3.47 -16.09 -3.80
C GLN A 37 4.90 -16.02 -3.23
N ASP A 38 5.63 -14.93 -3.54
CA ASP A 38 6.99 -14.81 -3.05
C ASP A 38 7.13 -14.91 -1.55
N LEU A 39 6.11 -14.44 -0.83
CA LEU A 39 6.09 -14.42 0.65
C LEU A 39 5.20 -15.52 1.24
N GLN A 40 4.83 -16.48 0.39
CA GLN A 40 3.95 -17.58 0.80
C GLN A 40 4.49 -18.25 2.06
N ARG A 41 3.65 -18.33 3.08
CA ARG A 41 4.04 -18.88 4.37
C ARG A 41 2.76 -19.29 5.11
N PRO A 42 2.89 -20.05 6.19
CA PRO A 42 1.67 -20.48 6.88
C PRO A 42 0.75 -19.29 7.17
N GLY A 43 -0.51 -19.45 6.81
CA GLY A 43 -1.53 -18.43 7.06
C GLY A 43 -1.58 -17.26 6.10
N ASN A 44 -0.68 -17.24 5.12
CA ASN A 44 -0.54 -16.05 4.28
C ASN A 44 0.16 -16.42 2.96
N LYS A 45 -0.67 -16.74 1.97
CA LYS A 45 -0.15 -17.27 0.70
C LYS A 45 0.25 -16.23 -0.33
N TYR A 46 -0.47 -15.11 -0.40
CA TYR A 46 -0.31 -14.15 -1.47
C TYR A 46 -0.08 -12.74 -0.92
N ALA A 47 0.62 -11.94 -1.71
CA ALA A 47 0.78 -10.50 -1.45
C ALA A 47 0.80 -9.79 -2.80
N LEU A 48 0.64 -8.48 -2.77
CA LEU A 48 0.68 -7.68 -3.98
C LEU A 48 2.10 -7.21 -4.21
N ARG A 49 2.70 -7.63 -5.32
CA ARG A 49 4.06 -7.26 -5.67
C ARG A 49 4.06 -6.06 -6.61
N LEU A 50 4.79 -5.03 -6.20
CA LEU A 50 4.95 -3.82 -6.97
C LEU A 50 6.40 -3.78 -7.41
N ASP A 51 6.64 -4.00 -8.69
CA ASP A 51 8.00 -3.88 -9.21
C ASP A 51 8.29 -2.42 -9.50
N VAL A 52 9.20 -1.82 -8.74
CA VAL A 52 9.51 -0.41 -8.85
C VAL A 52 10.92 -0.19 -9.39
N GLU A 53 11.12 0.96 -10.03
CA GLU A 53 12.42 1.41 -10.46
C GLU A 53 12.51 2.89 -10.17
N PHE A 54 13.34 3.25 -9.20
CA PHE A 54 13.53 4.65 -8.88
C PHE A 54 14.79 5.22 -9.55
N ASN A 55 14.75 6.52 -9.83
CA ASN A 55 15.88 7.27 -10.41
C ASN A 55 16.54 8.16 -9.35
N PRO A 56 17.84 7.97 -9.14
CA PRO A 56 18.50 8.70 -8.03
C PRO A 56 18.66 10.21 -8.19
N ASN A 57 18.44 10.74 -9.39
CA ASN A 57 18.33 12.18 -9.65
C ASN A 57 16.96 12.79 -9.47
N ASN A 58 15.98 11.99 -9.06
CA ASN A 58 14.61 12.44 -8.94
C ASN A 58 14.29 12.46 -7.47
N GLY A 59 14.06 13.66 -6.92
CA GLY A 59 13.73 13.78 -5.50
C GLY A 59 12.35 13.35 -5.12
N TRP A 60 11.47 13.09 -6.12
CA TRP A 60 10.10 12.66 -5.84
C TRP A 60 9.62 11.85 -7.03
N ASP A 61 10.10 10.62 -7.11
CA ASP A 61 9.83 9.72 -8.23
C ASP A 61 8.56 8.95 -7.89
N GLN A 62 7.44 9.61 -8.14
CA GLN A 62 6.14 9.15 -7.67
C GLN A 62 5.44 8.18 -8.61
N GLY A 63 4.61 7.36 -8.00
CA GLY A 63 3.64 6.52 -8.66
C GLY A 63 2.44 6.29 -7.77
N ASP A 64 1.26 6.17 -8.37
CA ASP A 64 0.01 6.11 -7.63
C ASP A 64 -0.77 4.85 -7.98
N LEU A 65 -1.01 4.06 -6.93
CA LEU A 65 -1.66 2.77 -6.98
C LEU A 65 -3.02 2.87 -6.32
N GLY A 66 -4.10 2.52 -7.00
CA GLY A 66 -5.42 2.58 -6.42
C GLY A 66 -6.12 1.25 -6.37
N THR A 67 -7.06 1.14 -5.46
CA THR A 67 -8.07 0.08 -5.48
C THR A 67 -9.44 0.67 -5.24
N TRP A 68 -10.45 -0.10 -5.59
CA TRP A 68 -11.83 0.27 -5.34
C TRP A 68 -12.41 -0.60 -4.24
N ILE A 69 -12.81 0.02 -3.14
CA ILE A 69 -13.36 -0.68 -1.97
C ILE A 69 -14.77 -1.06 -2.42
N GLY A 70 -14.97 -2.36 -2.63
CA GLY A 70 -16.17 -2.89 -3.26
C GLY A 70 -16.03 -3.31 -4.71
N GLY A 71 -14.90 -2.99 -5.33
CA GLY A 71 -14.58 -3.40 -6.68
C GLY A 71 -15.24 -2.58 -7.76
N VAL A 72 -16.22 -1.78 -7.36
CA VAL A 72 -17.00 -1.01 -8.31
C VAL A 72 -16.32 0.33 -8.54
N VAL A 73 -15.96 0.55 -9.78
CA VAL A 73 -15.26 1.73 -10.23
C VAL A 73 -16.23 2.91 -10.23
N GLU A 74 -15.78 4.00 -9.62
CA GLU A 74 -16.58 5.18 -9.32
C GLU A 74 -17.78 4.89 -8.42
N GLY A 75 -17.72 3.75 -7.75
CA GLY A 75 -18.62 3.45 -6.66
C GLY A 75 -18.40 4.30 -5.44
N GLN A 76 -19.42 4.38 -4.61
CA GLN A 76 -19.38 4.97 -3.27
C GLN A 76 -19.28 3.86 -2.23
N PHE A 77 -18.56 4.12 -1.16
CA PHE A 77 -18.50 3.21 -0.04
C PHE A 77 -18.86 4.03 1.19
N ASP A 78 -19.67 3.44 2.08
CA ASP A 78 -20.12 4.10 3.28
C ASP A 78 -19.13 3.81 4.40
N PHE A 79 -18.30 4.81 4.70
CA PHE A 79 -17.29 4.70 5.73
C PHE A 79 -17.86 4.95 7.14
N THR A 80 -19.18 5.11 7.29
CA THR A 80 -19.79 5.25 8.61
C THR A 80 -19.34 4.07 9.47
N GLY A 81 -18.82 4.34 10.65
CA GLY A 81 -18.41 3.24 11.51
C GLY A 81 -17.09 2.55 11.20
N TYR A 82 -16.40 3.03 10.18
CA TYR A 82 -15.02 2.66 9.94
C TYR A 82 -14.13 3.76 10.50
N LYS A 83 -13.09 3.36 11.20
CA LYS A 83 -12.27 4.30 11.94
C LYS A 83 -10.78 4.30 11.62
N SER A 84 -10.30 3.30 10.89
CA SER A 84 -8.90 3.26 10.53
C SER A 84 -8.64 2.44 9.29
N VAL A 85 -7.50 2.71 8.66
CA VAL A 85 -6.97 1.90 7.58
C VAL A 85 -5.59 1.44 7.99
N GLU A 86 -5.36 0.13 7.93
CA GLU A 86 -4.11 -0.57 8.32
C GLU A 86 -3.50 -1.19 7.06
N PHE A 87 -2.20 -1.38 7.04
CA PHE A 87 -1.53 -2.05 5.93
C PHE A 87 -0.13 -2.48 6.38
N GLU A 88 0.48 -3.38 5.62
CA GLU A 88 1.88 -3.75 5.74
C GLU A 88 2.59 -3.66 4.40
N MET A 89 3.85 -3.20 4.44
CA MET A 89 4.71 -3.19 3.26
C MET A 89 5.97 -3.98 3.61
N PHE A 90 6.49 -4.71 2.61
CA PHE A 90 7.68 -5.54 2.75
C PHE A 90 8.65 -5.19 1.62
N ILE A 91 9.89 -4.90 1.98
CA ILE A 91 10.94 -4.58 1.00
C ILE A 91 12.16 -5.43 1.30
N PRO A 92 12.65 -6.20 0.32
CA PRO A 92 13.81 -7.06 0.59
C PRO A 92 14.99 -6.27 1.19
N TYR A 93 15.45 -6.74 2.35
CA TYR A 93 16.33 -5.94 3.19
C TYR A 93 17.72 -5.74 2.58
N ASP A 94 18.36 -6.81 2.11
CA ASP A 94 19.74 -6.66 1.62
C ASP A 94 19.77 -5.73 0.41
N GLU A 95 18.89 -5.93 -0.55
CA GLU A 95 18.89 -5.07 -1.73
C GLU A 95 18.53 -3.61 -1.37
N PHE A 96 17.57 -3.45 -0.49
CA PHE A 96 17.12 -2.10 -0.13
C PHE A 96 18.24 -1.39 0.66
N SER A 97 18.99 -2.17 1.46
CA SER A 97 20.05 -1.59 2.30
C SER A 97 21.24 -1.07 1.46
N LYS A 98 21.45 -1.66 0.30
CA LYS A 98 22.50 -1.23 -0.64
C LYS A 98 22.12 0.01 -1.45
N SER A 99 20.84 0.37 -1.49
CA SER A 99 20.36 1.50 -2.29
C SER A 99 20.62 2.85 -1.64
N GLN A 100 20.71 3.86 -2.47
CA GLN A 100 20.86 5.27 -2.03
C GLN A 100 19.49 5.86 -1.75
N GLY A 101 19.48 6.91 -0.96
CA GLY A 101 18.26 7.66 -0.78
C GLY A 101 17.26 6.93 0.11
N GLY A 102 15.99 7.11 -0.22
CA GLY A 102 14.91 6.51 0.54
C GLY A 102 13.64 6.59 -0.28
N PHE A 103 12.53 6.14 0.31
CA PHE A 103 11.23 6.38 -0.34
C PHE A 103 10.19 6.84 0.65
N ALA A 104 9.14 7.43 0.11
CA ALA A 104 8.02 7.95 0.86
C ALA A 104 6.75 7.29 0.36
N TYR A 105 5.74 7.25 1.21
CA TYR A 105 4.41 6.82 0.80
C TYR A 105 3.35 7.68 1.46
N LYS A 106 2.18 7.69 0.80
CA LYS A 106 0.97 8.32 1.33
C LYS A 106 -0.16 7.31 1.17
N VAL A 107 -1.09 7.33 2.13
CA VAL A 107 -2.33 6.56 2.07
C VAL A 107 -3.46 7.59 2.05
N VAL A 108 -4.32 7.49 1.05
CA VAL A 108 -5.29 8.52 0.69
C VAL A 108 -6.64 7.86 0.37
N ILE A 109 -7.71 8.44 0.88
CA ILE A 109 -9.04 8.16 0.35
C ILE A 109 -9.27 9.23 -0.71
N ASN A 110 -9.33 8.81 -1.97
CA ASN A 110 -9.38 9.75 -3.07
C ASN A 110 -10.81 10.13 -3.40
N ASP A 111 -11.38 10.85 -2.44
CA ASP A 111 -12.56 11.68 -2.66
C ASP A 111 -12.13 13.05 -2.15
N GLY A 112 -11.66 13.89 -3.06
CA GLY A 112 -11.04 15.13 -2.70
C GLY A 112 -9.61 14.97 -2.23
N TRP A 113 -8.99 13.82 -2.52
CA TRP A 113 -7.59 13.57 -2.21
C TRP A 113 -7.32 13.82 -0.72
N LYS A 114 -7.94 12.97 0.12
CA LYS A 114 -7.84 13.10 1.57
C LYS A 114 -6.75 12.18 2.11
N GLU A 115 -5.63 12.76 2.51
CA GLU A 115 -4.53 12.01 3.07
C GLU A 115 -4.88 11.54 4.47
N LEU A 116 -4.77 10.22 4.68
CA LEU A 116 -4.92 9.63 6.01
C LEU A 116 -3.62 9.62 6.78
N GLY A 117 -2.52 9.45 6.07
CA GLY A 117 -1.20 9.40 6.68
C GLY A 117 -0.11 9.26 5.63
N SER A 118 1.12 9.43 6.06
CA SER A 118 2.28 9.42 5.21
C SER A 118 3.50 9.17 6.04
N GLU A 119 4.53 8.69 5.35
CA GLU A 119 5.88 8.65 5.93
C GLU A 119 6.89 8.95 4.84
N PHE A 120 7.99 9.55 5.26
CA PHE A 120 9.08 9.91 4.38
C PHE A 120 10.37 9.29 4.85
N ASN A 121 11.32 9.23 3.91
CA ASN A 121 12.65 8.83 4.21
C ASN A 121 12.74 7.41 4.76
N ILE A 122 11.88 6.51 4.26
CA ILE A 122 11.97 5.09 4.53
C ILE A 122 13.24 4.50 3.91
N THR A 123 14.00 3.81 4.74
CA THR A 123 15.18 3.05 4.36
C THR A 123 15.10 1.67 4.97
N ALA A 124 16.11 0.85 4.70
CA ALA A 124 16.09 -0.54 5.12
C ALA A 124 16.08 -0.66 6.65
N ASN A 125 16.55 0.37 7.33
CA ASN A 125 16.59 0.37 8.79
C ASN A 125 15.31 0.84 9.48
N ALA A 126 14.30 1.25 8.69
CA ALA A 126 12.99 1.58 9.21
C ALA A 126 12.25 0.34 9.67
N GLY A 127 11.20 0.57 10.42
CA GLY A 127 10.32 -0.49 10.88
C GLY A 127 11.05 -1.60 11.60
N LYS A 128 10.81 -2.82 11.16
CA LYS A 128 11.45 -4.02 11.71
C LYS A 128 11.88 -4.96 10.60
N LYS A 129 12.83 -5.83 10.91
CA LYS A 129 13.37 -6.78 9.99
C LYS A 129 12.79 -8.16 10.32
N VAL A 130 12.21 -8.82 9.32
CA VAL A 130 11.59 -10.13 9.47
C VAL A 130 12.11 -11.06 8.38
N LYS A 131 12.43 -12.32 8.73
CA LYS A 131 12.85 -13.31 7.73
C LYS A 131 11.64 -14.07 7.23
N ILE A 132 11.48 -14.10 5.90
CA ILE A 132 10.46 -14.90 5.22
C ILE A 132 11.10 -15.67 4.07
N ASN A 133 10.90 -16.98 4.05
CA ASN A 133 11.38 -17.84 2.95
C ASN A 133 12.85 -17.59 2.63
N GLY A 134 13.65 -17.53 3.68
CA GLY A 134 15.10 -17.42 3.54
C GLY A 134 15.65 -16.01 3.44
N LYS A 135 14.78 -15.01 3.31
CA LYS A 135 15.18 -13.65 2.97
C LYS A 135 14.67 -12.67 4.04
N ASP A 136 15.56 -11.81 4.53
CA ASP A 136 15.14 -10.72 5.40
C ASP A 136 14.40 -9.61 4.61
N TYR A 137 13.39 -9.05 5.25
CA TYR A 137 12.57 -7.95 4.73
C TYR A 137 12.49 -6.84 5.74
N THR A 138 12.59 -5.62 5.26
CA THR A 138 12.13 -4.45 6.00
C THR A 138 10.60 -4.44 5.96
N VAL A 139 9.96 -4.32 7.14
CA VAL A 139 8.53 -4.35 7.26
C VAL A 139 8.04 -3.06 7.88
N ILE A 140 7.16 -2.40 7.14
CA ILE A 140 6.46 -1.16 7.52
C ILE A 140 5.03 -1.57 7.87
N HIS A 141 4.54 -1.15 9.02
CA HIS A 141 3.17 -1.50 9.43
C HIS A 141 2.61 -0.30 10.17
N LYS A 142 1.50 0.22 9.65
CA LYS A 142 0.87 1.41 10.24
C LYS A 142 -0.66 1.27 10.17
N ALA A 143 -1.35 1.92 11.09
CA ALA A 143 -2.77 2.19 11.01
C ALA A 143 -3.00 3.69 11.12
N PHE A 144 -3.74 4.22 10.16
CA PHE A 144 -4.08 5.65 10.16
C PHE A 144 -5.56 5.83 10.39
N ALA A 145 -5.92 6.89 11.12
CA ALA A 145 -7.32 7.19 11.36
C ALA A 145 -8.06 7.60 10.10
N ILE A 146 -9.31 7.18 10.04
CA ILE A 146 -10.29 7.81 9.15
C ILE A 146 -10.94 8.92 9.99
N PRO A 147 -10.72 10.19 9.67
CA PRO A 147 -11.31 11.25 10.51
C PRO A 147 -12.85 11.26 10.45
N GLU A 148 -13.45 11.73 11.53
CA GLU A 148 -14.89 11.64 11.70
C GLU A 148 -15.69 12.23 10.52
N ASP A 149 -15.21 13.34 9.95
CA ASP A 149 -15.83 13.97 8.77
C ASP A 149 -15.90 13.10 7.49
N PHE A 150 -15.04 12.08 7.43
CA PHE A 150 -15.02 11.14 6.32
C PHE A 150 -15.75 9.84 6.59
N ARG A 151 -16.35 9.70 7.77
CA ARG A 151 -17.11 8.50 8.13
C ARG A 151 -18.52 8.65 7.59
N THR A 152 -18.60 8.55 6.27
CA THR A 152 -19.84 8.77 5.54
C THR A 152 -19.63 8.20 4.13
N LYS A 153 -20.61 8.32 3.26
CA LYS A 153 -20.45 7.85 1.89
C LYS A 153 -19.44 8.73 1.14
N LYS A 154 -18.46 8.07 0.51
CA LYS A 154 -17.38 8.70 -0.23
C LYS A 154 -17.00 7.87 -1.44
N ARG A 155 -16.44 8.55 -2.43
CA ARG A 155 -15.89 7.87 -3.60
C ARG A 155 -14.88 6.82 -3.11
N ALA A 156 -15.07 5.58 -3.55
CA ALA A 156 -14.49 4.42 -2.86
C ALA A 156 -13.09 4.02 -3.29
N GLN A 157 -12.22 5.00 -3.60
CA GLN A 157 -10.91 4.72 -4.12
C GLN A 157 -9.91 4.97 -3.02
N LEU A 158 -9.20 3.93 -2.67
CA LEU A 158 -8.07 4.01 -1.74
C LEU A 158 -6.80 4.04 -2.58
N VAL A 159 -5.96 5.04 -2.36
CA VAL A 159 -4.73 5.22 -3.11
C VAL A 159 -3.51 5.13 -2.20
N PHE A 160 -2.53 4.39 -2.67
CA PHE A 160 -1.19 4.35 -2.10
C PHE A 160 -0.28 5.07 -3.09
N GLN A 161 0.31 6.17 -2.66
CA GLN A 161 1.36 6.83 -3.43
C GLN A 161 2.73 6.37 -2.93
N PHE A 162 3.62 6.03 -3.84
CA PHE A 162 4.99 5.70 -3.51
C PHE A 162 5.90 6.68 -4.24
N ALA A 163 6.95 7.18 -3.58
CA ALA A 163 7.85 8.11 -4.24
C ALA A 163 9.29 7.89 -3.83
N GLY A 164 10.13 7.64 -4.83
CA GLY A 164 11.55 7.57 -4.59
C GLY A 164 12.12 8.95 -4.29
N GLN A 165 12.94 9.00 -3.24
CA GLN A 165 13.57 10.20 -2.79
C GLN A 165 15.08 10.10 -3.07
N ASN A 166 15.47 10.51 -4.29
CA ASN A 166 16.81 10.27 -4.79
C ASN A 166 17.27 8.84 -4.54
N SER A 167 16.37 7.90 -4.79
CA SER A 167 16.64 6.47 -4.66
C SER A 167 17.05 5.86 -6.00
N ASN A 168 17.92 4.86 -5.90
CA ASN A 168 18.23 3.99 -7.02
C ASN A 168 17.74 2.57 -6.81
N TYR A 169 16.79 2.39 -5.89
CA TYR A 169 16.26 1.07 -5.64
C TYR A 169 15.46 0.59 -6.86
N LYS A 170 15.78 -0.62 -7.31
CA LYS A 170 15.08 -1.34 -8.37
C LYS A 170 14.80 -2.71 -7.79
N GLY A 171 13.52 -3.02 -7.63
CA GLY A 171 13.13 -4.25 -6.95
C GLY A 171 11.65 -4.23 -6.59
N PRO A 172 11.19 -5.32 -5.96
CA PRO A 172 9.82 -5.36 -5.47
C PRO A 172 9.61 -4.60 -4.15
N ILE A 173 8.41 -4.04 -4.01
CA ILE A 173 7.84 -3.67 -2.72
C ILE A 173 6.54 -4.45 -2.66
N TYR A 174 6.32 -5.18 -1.57
CA TYR A 174 5.08 -5.95 -1.39
C TYR A 174 4.11 -5.24 -0.45
N LEU A 175 2.85 -5.23 -0.84
CA LEU A 175 1.78 -4.72 -0.02
C LEU A 175 0.90 -5.90 0.41
N ASP A 176 0.49 -5.90 1.66
CA ASP A 176 -0.39 -6.95 2.17
C ASP A 176 -1.24 -6.45 3.31
N ASN A 177 -2.28 -7.20 3.62
CA ASN A 177 -3.10 -6.97 4.80
C ASN A 177 -3.58 -5.52 4.91
N VAL A 178 -4.14 -5.03 3.82
CA VAL A 178 -4.78 -3.72 3.80
C VAL A 178 -6.18 -3.89 4.36
N ARG A 179 -6.46 -3.24 5.50
CA ARG A 179 -7.71 -3.42 6.21
C ARG A 179 -8.41 -2.09 6.43
N ILE A 180 -9.69 -2.03 6.07
CA ILE A 180 -10.55 -0.90 6.40
C ILE A 180 -11.34 -1.37 7.61
N ARG A 181 -11.08 -0.77 8.78
CA ARG A 181 -11.41 -1.38 10.04
C ARG A 181 -12.41 -0.57 10.86
N PRO A 182 -13.29 -1.24 11.59
CA PRO A 182 -14.11 -0.56 12.59
C PRO A 182 -13.35 -0.17 13.87
N GLU A 183 -12.18 -0.75 14.08
CA GLU A 183 -11.31 -0.43 15.19
C GLU A 183 -10.65 0.94 14.98
N ASP A 184 -10.41 1.64 16.08
CA ASP A 184 -9.62 2.87 16.05
C ASP A 184 -8.15 2.59 15.66
N ALA A 185 -7.50 3.61 15.14
CA ALA A 185 -6.06 3.56 14.90
C ALA A 185 -5.27 3.33 16.19
CA CA B . -1.75 -12.03 2.05
C1 EDO C . -11.16 -2.79 19.86
O1 EDO C . -11.88 -1.75 19.20
C2 EDO C . -10.42 -3.74 18.93
O2 EDO C . -10.76 -5.06 19.19
C1 EDO D . 7.45 1.42 11.19
O1 EDO D . 6.48 0.43 10.93
C2 EDO D . 7.08 2.62 10.34
O2 EDO D . 8.22 2.98 9.61
C ACY E . -10.94 -6.72 11.99
O ACY E . -10.65 -7.69 11.20
OXT ACY E . -11.73 -6.74 13.02
CH3 ACY E . -10.23 -5.46 11.71
#